data_4IDA
#
_entry.id   4IDA
#
_cell.length_a   70.376
_cell.length_b   70.376
_cell.length_c   172.882
_cell.angle_alpha   90.000
_cell.angle_beta   90.000
_cell.angle_gamma   90.000
#
_symmetry.space_group_name_H-M   'P 43 21 2'
#
loop_
_entity.id
_entity.type
_entity.pdbx_description
1 polymer 'Ripening-induced protein'
2 non-polymer 'SULFATE ION'
3 non-polymer 1,2-ETHANEDIOL
4 water water
#
_entity_poly.entity_id   1
_entity_poly.type   'polypeptide(L)'
_entity_poly.pdbx_seq_one_letter_code
;MASWSHPQFEKGAAAPSESIPSVNKAWVYSEYGKTSDVLKFDPSVAVPEIKEDQVLIKVVAASLNPVDFKRALGYFKDTD
SPLPTIPGYDVAGVVVKVGSQVTKFKVGDEVYGDLNETALVNPTRFGSLAEYTAADERVLAHKPKNLSFIEAASLPLAIE
TAHEGLERAELSAGKSVLVLGGAGGVGTHIIQLAKHVFGASKVAATASTKKLDLLRTLGADLAIDYTKENFEDLPEKFDV
VYDAVGETDKAVKAVKEGGKVVTIVGPATPPAILFVLTSKGSVLEKLKPYLESGKVKPVLDPTSPYPFTKVVEAFGYLES
SRATGKVVVYPI
;
_entity_poly.pdbx_strand_id   A
#
# COMPACT_ATOMS: atom_id res chain seq x y z
N GLY A 12 -12.69 -22.02 13.97
CA GLY A 12 -11.77 -22.22 12.80
C GLY A 12 -11.27 -23.67 12.58
N ALA A 13 -12.18 -24.64 12.50
CA ALA A 13 -11.85 -25.98 11.97
C ALA A 13 -11.87 -25.88 10.43
N ALA A 14 -11.18 -26.78 9.72
CA ALA A 14 -11.00 -26.68 8.23
C ALA A 14 -12.31 -26.51 7.51
N ALA A 15 -12.32 -25.85 6.33
CA ALA A 15 -13.58 -25.78 5.53
C ALA A 15 -13.82 -27.16 4.91
N PRO A 16 -15.10 -27.50 4.60
CA PRO A 16 -15.25 -28.73 3.81
C PRO A 16 -14.49 -28.60 2.46
N SER A 17 -13.79 -29.67 2.12
CA SER A 17 -12.87 -29.72 0.98
C SER A 17 -13.51 -29.15 -0.32
N GLU A 18 -14.57 -29.80 -0.77
CA GLU A 18 -15.18 -29.41 -2.02
C GLU A 18 -15.94 -28.09 -1.90
N SER A 19 -15.92 -27.41 -0.73
CA SER A 19 -16.48 -26.03 -0.67
C SER A 19 -15.55 -24.94 -1.20
N ILE A 20 -14.27 -25.29 -1.35
CA ILE A 20 -13.32 -24.35 -1.96
C ILE A 20 -13.23 -24.60 -3.47
N PRO A 21 -13.56 -23.62 -4.35
CA PRO A 21 -13.52 -23.90 -5.78
C PRO A 21 -12.10 -24.05 -6.33
N SER A 22 -11.98 -24.75 -7.47
CA SER A 22 -10.66 -24.84 -8.13
C SER A 22 -10.51 -23.85 -9.27
N VAL A 23 -11.63 -23.23 -9.68
CA VAL A 23 -11.55 -22.10 -10.62
C VAL A 23 -12.38 -20.92 -10.06
N ASN A 24 -12.03 -19.74 -10.55
CA ASN A 24 -12.70 -18.52 -10.11
C ASN A 24 -12.54 -17.39 -11.09
N LYS A 25 -13.22 -16.28 -10.86
CA LYS A 25 -13.08 -15.11 -11.71
CA LYS A 25 -13.09 -15.10 -11.71
C LYS A 25 -11.89 -14.30 -11.28
N ALA A 26 -11.16 -13.75 -12.25
CA ALA A 26 -10.04 -12.85 -11.97
C ALA A 26 -9.76 -11.94 -13.13
N TRP A 27 -9.05 -10.86 -12.87
CA TRP A 27 -8.50 -10.02 -13.95
C TRP A 27 -7.06 -10.44 -14.20
N VAL A 28 -6.69 -10.49 -15.48
CA VAL A 28 -5.46 -11.14 -15.91
C VAL A 28 -4.85 -10.33 -17.05
N TYR A 29 -3.53 -10.22 -17.09
CA TYR A 29 -2.85 -9.83 -18.30
C TYR A 29 -1.85 -10.86 -18.74
N SER A 30 -1.73 -11.05 -20.06
CA SER A 30 -0.88 -12.12 -20.60
CA SER A 30 -0.88 -12.11 -20.60
C SER A 30 0.34 -11.56 -21.33
N GLU A 31 0.39 -10.26 -21.46
CA GLU A 31 1.55 -9.56 -22.04
C GLU A 31 1.64 -8.20 -21.35
N TYR A 32 2.82 -7.63 -21.33
CA TYR A 32 3.00 -6.34 -20.75
C TYR A 32 2.41 -5.25 -21.70
N GLY A 33 1.88 -4.22 -21.03
CA GLY A 33 1.35 -3.05 -21.70
C GLY A 33 0.50 -2.17 -20.80
N LYS A 34 -0.22 -1.25 -21.43
CA LYS A 34 -1.14 -0.39 -20.73
C LYS A 34 -2.33 -1.19 -20.26
N THR A 35 -2.86 -0.84 -19.10
CA THR A 35 -4.03 -1.57 -18.57
C THR A 35 -5.27 -1.50 -19.47
N SER A 36 -5.43 -0.39 -20.16
CA SER A 36 -6.50 -0.23 -21.10
C SER A 36 -6.38 -1.20 -22.30
N ASP A 37 -5.18 -1.73 -22.55
CA ASP A 37 -4.97 -2.66 -23.62
C ASP A 37 -4.89 -4.09 -23.15
N VAL A 38 -4.20 -4.36 -22.05
CA VAL A 38 -3.85 -5.77 -21.73
C VAL A 38 -4.68 -6.44 -20.65
N LEU A 39 -5.35 -5.67 -19.81
CA LEU A 39 -6.08 -6.23 -18.67
C LEU A 39 -7.46 -6.74 -19.09
N LYS A 40 -7.67 -8.06 -18.89
CA LYS A 40 -8.86 -8.77 -19.42
C LYS A 40 -9.48 -9.52 -18.30
N PHE A 41 -10.79 -9.62 -18.36
CA PHE A 41 -11.50 -10.40 -17.34
C PHE A 41 -11.55 -11.83 -17.81
N ASP A 42 -11.24 -12.74 -16.89
CA ASP A 42 -11.24 -14.20 -17.17
C ASP A 42 -12.20 -14.87 -16.16
N PRO A 43 -13.30 -15.42 -16.67
CA PRO A 43 -14.26 -15.99 -15.76
C PRO A 43 -13.85 -17.33 -15.11
N SER A 44 -12.75 -17.93 -15.57
CA SER A 44 -12.39 -19.25 -15.12
CA SER A 44 -12.38 -19.29 -15.23
C SER A 44 -10.87 -19.44 -15.11
N VAL A 45 -10.30 -18.83 -14.10
CA VAL A 45 -8.85 -18.87 -13.81
C VAL A 45 -8.66 -19.84 -12.66
N ALA A 46 -7.51 -20.56 -12.66
CA ALA A 46 -7.16 -21.40 -11.48
C ALA A 46 -7.04 -20.63 -10.19
N VAL A 47 -7.65 -21.21 -9.15
CA VAL A 47 -7.43 -20.74 -7.80
C VAL A 47 -6.05 -21.33 -7.41
N PRO A 48 -5.23 -20.49 -6.83
CA PRO A 48 -3.86 -20.98 -6.49
C PRO A 48 -3.92 -22.04 -5.38
N GLU A 49 -3.02 -23.02 -5.49
CA GLU A 49 -2.76 -23.97 -4.41
C GLU A 49 -1.87 -23.25 -3.41
N ILE A 50 -2.10 -23.45 -2.14
CA ILE A 50 -1.27 -22.81 -1.12
C ILE A 50 -0.05 -23.66 -0.72
N LYS A 51 1.00 -22.93 -0.38
CA LYS A 51 2.15 -23.48 0.31
C LYS A 51 1.91 -23.64 1.79
N GLU A 52 2.82 -24.36 2.45
CA GLU A 52 2.52 -24.73 3.80
C GLU A 52 2.58 -23.53 4.76
N ASP A 53 3.25 -22.46 4.37
CA ASP A 53 3.26 -21.24 5.22
C ASP A 53 2.33 -20.13 4.73
N GLN A 54 1.31 -20.53 3.93
CA GLN A 54 0.35 -19.65 3.34
C GLN A 54 -1.08 -19.99 3.86
N VAL A 55 -2.00 -19.01 3.65
CA VAL A 55 -3.43 -19.23 3.84
C VAL A 55 -4.09 -18.91 2.49
N LEU A 56 -5.26 -19.51 2.28
CA LEU A 56 -6.14 -19.11 1.16
C LEU A 56 -7.21 -18.18 1.74
N ILE A 57 -7.46 -17.06 1.04
CA ILE A 57 -8.35 -16.01 1.45
C ILE A 57 -9.50 -15.96 0.41
N LYS A 58 -10.74 -15.86 0.88
CA LYS A 58 -11.84 -15.33 0.06
C LYS A 58 -11.69 -13.85 0.09
N VAL A 59 -11.34 -13.27 -1.06
CA VAL A 59 -11.13 -11.82 -1.17
C VAL A 59 -12.43 -11.09 -1.02
N VAL A 60 -12.51 -10.08 -0.15
CA VAL A 60 -13.63 -9.21 -0.09
C VAL A 60 -13.44 -7.86 -0.79
N ALA A 61 -12.25 -7.31 -0.60
CA ALA A 61 -11.87 -6.05 -1.24
C ALA A 61 -10.40 -6.06 -1.57
N ALA A 62 -10.02 -5.27 -2.59
CA ALA A 62 -8.65 -5.09 -3.01
C ALA A 62 -8.42 -3.63 -3.31
N SER A 63 -7.22 -3.13 -3.11
CA SER A 63 -6.92 -1.75 -3.44
C SER A 63 -5.86 -1.72 -4.52
N LEU A 64 -5.88 -0.68 -5.33
CA LEU A 64 -4.89 -0.51 -6.40
C LEU A 64 -3.72 0.38 -5.94
N ASN A 65 -2.56 0.18 -6.57
CA ASN A 65 -1.42 0.98 -6.31
C ASN A 65 -0.68 1.25 -7.57
N PRO A 66 0.15 2.30 -7.60
CA PRO A 66 0.95 2.52 -8.81
C PRO A 66 1.82 1.36 -9.24
N VAL A 67 2.36 0.61 -8.29
CA VAL A 67 3.16 -0.54 -8.64
C VAL A 67 2.40 -1.50 -9.57
N ASP A 68 1.10 -1.65 -9.37
CA ASP A 68 0.34 -2.56 -10.18
C ASP A 68 0.47 -2.15 -11.64
N PHE A 69 0.25 -0.89 -12.01
CA PHE A 69 0.35 -0.57 -13.44
C PHE A 69 1.76 -0.44 -13.95
N LYS A 70 2.71 -0.05 -13.09
CA LYS A 70 4.11 -0.05 -13.52
C LYS A 70 4.59 -1.48 -13.78
N ARG A 71 4.19 -2.41 -12.90
CA ARG A 71 4.56 -3.84 -13.15
C ARG A 71 3.96 -4.34 -14.45
N ALA A 72 2.72 -3.94 -14.71
CA ALA A 72 2.02 -4.38 -15.94
C ALA A 72 2.61 -3.82 -17.22
N LEU A 73 3.31 -2.68 -17.12
CA LEU A 73 4.07 -2.12 -18.22
C LEU A 73 5.37 -2.84 -18.47
N GLY A 74 5.79 -3.70 -17.56
CA GLY A 74 7.03 -4.41 -17.72
C GLY A 74 8.22 -3.77 -17.01
N TYR A 75 7.98 -2.84 -16.10
CA TYR A 75 9.10 -2.06 -15.53
C TYR A 75 10.09 -2.97 -14.75
N PHE A 76 9.63 -4.07 -14.19
CA PHE A 76 10.63 -4.96 -13.55
C PHE A 76 10.49 -6.37 -14.01
N LYS A 77 10.45 -6.49 -15.33
CA LYS A 77 10.41 -7.81 -15.95
C LYS A 77 11.55 -8.77 -15.53
N ASP A 78 12.78 -8.25 -15.31
CA ASP A 78 13.98 -8.97 -14.90
CA ASP A 78 13.88 -9.17 -15.03
C ASP A 78 13.72 -9.85 -13.68
N THR A 79 12.89 -9.34 -12.77
CA THR A 79 12.71 -10.04 -11.47
C THR A 79 11.25 -10.34 -11.20
N ASP A 80 10.39 -10.14 -12.20
CA ASP A 80 8.96 -10.40 -12.06
C ASP A 80 8.72 -11.95 -12.09
N SER A 81 7.51 -12.32 -11.71
CA SER A 81 7.06 -13.72 -11.87
C SER A 81 6.54 -13.93 -13.29
N PRO A 82 6.39 -15.19 -13.69
CA PRO A 82 5.98 -15.42 -15.09
C PRO A 82 4.60 -14.96 -15.38
N LEU A 83 4.40 -14.40 -16.58
CA LEU A 83 3.11 -14.15 -17.14
C LEU A 83 2.40 -15.47 -17.45
N PRO A 84 1.06 -15.45 -17.51
CA PRO A 84 0.14 -14.35 -17.20
C PRO A 84 0.11 -14.01 -15.71
N THR A 85 -0.30 -12.80 -15.38
CA THR A 85 -0.38 -12.22 -14.05
C THR A 85 -1.80 -11.78 -13.70
N ILE A 86 -2.21 -12.09 -12.48
N ILE A 86 -2.26 -12.13 -12.50
CA ILE A 86 -3.38 -11.52 -11.86
CA ILE A 86 -3.44 -11.54 -11.89
C ILE A 86 -2.88 -10.43 -10.92
C ILE A 86 -2.91 -10.45 -10.93
N PRO A 87 -3.14 -9.17 -11.26
CA PRO A 87 -2.57 -8.08 -10.47
C PRO A 87 -3.23 -7.91 -9.11
N GLY A 88 -2.61 -7.07 -8.28
CA GLY A 88 -3.19 -6.57 -7.05
C GLY A 88 -2.35 -7.01 -5.88
N TYR A 89 -1.78 -6.02 -5.16
CA TYR A 89 -0.94 -6.26 -3.96
C TYR A 89 -1.80 -6.24 -2.67
N ASP A 90 -2.63 -5.20 -2.49
CA ASP A 90 -3.41 -4.98 -1.28
C ASP A 90 -4.65 -5.84 -1.28
N VAL A 91 -4.95 -6.48 -0.16
CA VAL A 91 -6.13 -7.35 0.01
C VAL A 91 -6.71 -7.26 1.41
N ALA A 92 -8.03 -7.51 1.50
CA ALA A 92 -8.70 -7.81 2.78
C ALA A 92 -9.71 -8.90 2.49
N GLY A 93 -9.84 -9.87 3.38
CA GLY A 93 -10.77 -10.93 3.16
C GLY A 93 -10.84 -11.87 4.33
N VAL A 94 -11.32 -13.09 4.04
CA VAL A 94 -11.64 -14.10 5.07
C VAL A 94 -10.89 -15.39 4.79
N VAL A 95 -10.15 -15.85 5.80
CA VAL A 95 -9.40 -17.11 5.66
C VAL A 95 -10.31 -18.28 5.44
N VAL A 96 -10.05 -19.08 4.38
CA VAL A 96 -10.80 -20.30 4.11
C VAL A 96 -9.99 -21.64 4.17
N LYS A 97 -8.65 -21.52 4.19
CA LYS A 97 -7.79 -22.65 4.31
C LYS A 97 -6.44 -22.21 4.85
N VAL A 98 -5.84 -23.08 5.68
CA VAL A 98 -4.49 -22.76 6.28
C VAL A 98 -3.51 -23.84 5.96
N GLY A 99 -2.28 -23.44 5.63
CA GLY A 99 -1.26 -24.45 5.42
C GLY A 99 -0.74 -25.03 6.73
N SER A 100 -0.04 -26.14 6.59
CA SER A 100 0.33 -26.95 7.71
C SER A 100 1.36 -26.35 8.65
N GLN A 101 2.03 -25.25 8.22
CA GLN A 101 2.97 -24.56 9.08
C GLN A 101 2.39 -23.25 9.66
N VAL A 102 1.14 -22.91 9.33
CA VAL A 102 0.53 -21.65 9.80
C VAL A 102 0.08 -21.75 11.23
N THR A 103 0.52 -20.82 12.06
CA THR A 103 0.09 -20.79 13.41
C THR A 103 -0.71 -19.58 13.80
N LYS A 104 -0.68 -18.50 13.04
CA LYS A 104 -1.26 -17.25 13.51
C LYS A 104 -2.70 -17.03 13.09
N PHE A 105 -3.17 -17.85 12.16
CA PHE A 105 -4.53 -17.64 11.58
C PHE A 105 -5.27 -18.96 11.55
N LYS A 106 -6.60 -18.88 11.63
CA LYS A 106 -7.49 -20.02 11.53
C LYS A 106 -8.57 -19.68 10.49
N VAL A 107 -9.25 -20.74 10.00
CA VAL A 107 -10.40 -20.54 9.10
C VAL A 107 -11.41 -19.63 9.78
N GLY A 108 -11.86 -18.63 9.03
CA GLY A 108 -12.87 -17.67 9.49
C GLY A 108 -12.25 -16.35 9.91
N ASP A 109 -10.93 -16.30 10.11
CA ASP A 109 -10.32 -15.02 10.52
C ASP A 109 -10.46 -14.01 9.39
N GLU A 110 -10.78 -12.78 9.79
CA GLU A 110 -10.80 -11.65 8.84
C GLU A 110 -9.40 -11.03 8.87
N VAL A 111 -8.77 -10.92 7.68
CA VAL A 111 -7.38 -10.58 7.56
C VAL A 111 -7.15 -9.52 6.48
N TYR A 112 -5.98 -8.95 6.50
CA TYR A 112 -5.61 -7.95 5.47
C TYR A 112 -4.10 -7.83 5.38
N GLY A 113 -3.59 -7.39 4.24
CA GLY A 113 -2.17 -7.20 4.04
C GLY A 113 -1.81 -6.90 2.62
N ASP A 114 -0.52 -6.67 2.41
CA ASP A 114 0.13 -6.53 1.12
C ASP A 114 0.79 -7.84 0.77
N LEU A 115 0.29 -8.49 -0.28
CA LEU A 115 0.69 -9.89 -0.58
C LEU A 115 2.17 -10.15 -0.78
N ASN A 116 2.95 -9.14 -1.23
CA ASN A 116 4.28 -9.41 -1.71
C ASN A 116 5.30 -8.90 -0.74
N GLU A 117 5.97 -9.81 -0.06
N GLU A 117 5.97 -9.82 -0.06
CA GLU A 117 7.01 -9.46 0.94
CA GLU A 117 7.04 -9.48 0.90
C GLU A 117 8.10 -8.59 0.31
C GLU A 117 8.04 -8.56 0.26
N THR A 118 8.61 -8.99 -0.85
CA THR A 118 9.56 -8.20 -1.64
C THR A 118 8.89 -7.67 -2.88
N ALA A 119 8.47 -6.42 -2.89
CA ALA A 119 7.60 -5.91 -3.90
C ALA A 119 8.02 -6.13 -5.37
N LEU A 120 9.31 -6.01 -5.60
CA LEU A 120 9.88 -5.99 -6.94
C LEU A 120 10.59 -7.28 -7.29
N VAL A 121 10.62 -8.27 -6.42
CA VAL A 121 11.31 -9.51 -6.66
C VAL A 121 10.32 -10.65 -6.44
N ASN A 122 10.00 -11.36 -7.52
CA ASN A 122 9.01 -12.46 -7.49
C ASN A 122 7.69 -12.21 -6.80
N PRO A 123 7.04 -11.11 -7.07
CA PRO A 123 5.66 -10.93 -6.60
C PRO A 123 4.81 -12.08 -7.18
N THR A 124 3.78 -12.43 -6.45
CA THR A 124 2.98 -13.58 -6.85
C THR A 124 2.36 -13.45 -8.22
N ARG A 125 2.17 -14.62 -8.85
CA ARG A 125 1.34 -14.67 -10.06
C ARG A 125 -0.13 -14.44 -9.78
N PHE A 126 -0.56 -14.73 -8.54
CA PHE A 126 -1.97 -14.76 -8.19
C PHE A 126 -2.28 -13.69 -7.16
N GLY A 127 -2.54 -12.48 -7.69
CA GLY A 127 -2.77 -11.31 -6.84
C GLY A 127 -4.17 -11.19 -6.29
N SER A 128 -4.52 -10.01 -5.82
CA SER A 128 -5.73 -9.79 -5.05
C SER A 128 -6.97 -9.52 -5.89
N LEU A 129 -6.83 -9.28 -7.19
CA LEU A 129 -7.99 -8.96 -8.09
C LEU A 129 -8.55 -10.31 -8.67
N ALA A 130 -9.03 -11.08 -7.71
CA ALA A 130 -9.57 -12.45 -7.97
C ALA A 130 -10.47 -12.79 -6.79
N GLU A 131 -11.33 -13.78 -6.96
CA GLU A 131 -12.24 -14.11 -5.84
C GLU A 131 -11.55 -14.75 -4.64
N TYR A 132 -10.48 -15.48 -4.92
CA TYR A 132 -9.66 -16.17 -3.90
C TYR A 132 -8.19 -15.93 -4.21
N THR A 133 -7.36 -15.81 -3.17
CA THR A 133 -5.93 -15.68 -3.39
C THR A 133 -5.17 -16.35 -2.26
N ALA A 134 -3.90 -16.67 -2.52
CA ALA A 134 -3.00 -17.27 -1.50
C ALA A 134 -2.14 -16.20 -0.94
N ALA A 135 -1.97 -16.20 0.37
CA ALA A 135 -1.14 -15.20 1.05
C ALA A 135 -0.20 -15.80 2.09
N ASP A 136 1.06 -15.37 2.12
CA ASP A 136 1.97 -15.73 3.17
C ASP A 136 1.45 -15.29 4.52
N GLU A 137 1.53 -16.19 5.49
CA GLU A 137 1.23 -15.84 6.88
C GLU A 137 1.92 -14.54 7.30
N ARG A 138 3.16 -14.40 6.94
N ARG A 138 3.17 -14.43 6.87
CA ARG A 138 3.97 -13.33 7.48
CA ARG A 138 4.12 -13.37 7.24
C ARG A 138 3.51 -11.96 6.97
C ARG A 138 3.69 -11.97 6.82
N VAL A 139 2.81 -11.89 5.84
CA VAL A 139 2.35 -10.57 5.31
C VAL A 139 1.06 -10.11 5.91
N LEU A 140 0.32 -11.00 6.56
CA LEU A 140 -1.03 -10.71 7.01
C LEU A 140 -1.10 -10.29 8.47
N ALA A 141 -2.19 -9.55 8.72
CA ALA A 141 -2.63 -9.17 10.04
C ALA A 141 -4.14 -9.33 10.20
N HIS A 142 -4.57 -9.50 11.45
CA HIS A 142 -6.00 -9.50 11.75
C HIS A 142 -6.68 -8.16 11.46
N LYS A 143 -7.79 -8.16 10.73
CA LYS A 143 -8.50 -6.90 10.45
C LYS A 143 -9.01 -6.29 11.74
N PRO A 144 -8.73 -5.00 11.98
CA PRO A 144 -9.39 -4.29 13.08
C PRO A 144 -10.92 -4.37 12.97
N LYS A 145 -11.61 -4.70 14.05
CA LYS A 145 -13.05 -4.80 14.03
C LYS A 145 -13.81 -3.52 13.61
N ASN A 146 -13.24 -2.35 13.82
CA ASN A 146 -13.93 -1.13 13.51
C ASN A 146 -13.75 -0.63 12.07
N LEU A 147 -12.94 -1.32 11.29
CA LEU A 147 -12.70 -0.96 9.89
C LEU A 147 -13.49 -1.86 8.97
N SER A 148 -14.10 -1.29 7.93
CA SER A 148 -14.74 -2.11 6.89
C SER A 148 -13.67 -2.85 6.10
N PHE A 149 -14.14 -3.85 5.31
CA PHE A 149 -13.23 -4.48 4.40
C PHE A 149 -12.58 -3.50 3.34
N ILE A 150 -13.43 -2.57 2.83
CA ILE A 150 -12.94 -1.51 1.98
C ILE A 150 -11.81 -0.68 2.63
N GLU A 151 -12.06 -0.28 3.87
CA GLU A 151 -11.09 0.53 4.59
C GLU A 151 -9.78 -0.23 4.83
N ALA A 152 -9.96 -1.47 5.25
CA ALA A 152 -8.78 -2.31 5.49
C ALA A 152 -7.96 -2.56 4.29
N ALA A 153 -8.61 -2.95 3.17
CA ALA A 153 -7.92 -3.15 1.94
C ALA A 153 -7.10 -1.96 1.46
N SER A 154 -7.59 -0.76 1.80
CA SER A 154 -6.93 0.48 1.35
C SER A 154 -5.57 0.71 2.00
N LEU A 155 -5.32 0.08 3.14
CA LEU A 155 -4.17 0.46 3.99
C LEU A 155 -2.80 -0.10 3.72
N PRO A 156 -2.67 -1.43 3.48
CA PRO A 156 -1.31 -2.03 3.80
C PRO A 156 -0.10 -1.46 3.10
N LEU A 157 -0.05 -1.44 1.77
CA LEU A 157 1.08 -0.99 1.08
C LEU A 157 1.43 0.45 1.52
N ALA A 158 0.45 1.31 1.56
CA ALA A 158 0.79 2.71 1.83
C ALA A 158 1.16 2.92 3.28
N ILE A 159 0.47 2.33 4.25
CA ILE A 159 0.74 2.60 5.64
C ILE A 159 2.06 1.95 6.05
N GLU A 160 2.35 0.78 5.49
CA GLU A 160 3.61 0.13 5.82
C GLU A 160 4.79 0.88 5.19
N THR A 161 4.62 1.44 4.01
CA THR A 161 5.71 2.20 3.40
C THR A 161 5.99 3.47 4.20
N ALA A 162 4.93 4.10 4.65
CA ALA A 162 5.06 5.28 5.56
C ALA A 162 5.80 4.89 6.82
N HIS A 163 5.41 3.80 7.45
CA HIS A 163 6.05 3.37 8.69
C HIS A 163 7.52 3.02 8.50
N GLU A 164 7.82 2.23 7.47
CA GLU A 164 9.21 1.80 7.27
C GLU A 164 10.16 2.99 7.02
N GLY A 165 9.70 3.95 6.21
CA GLY A 165 10.53 5.10 5.92
C GLY A 165 10.80 5.90 7.16
N LEU A 166 9.81 6.07 8.00
CA LEU A 166 9.96 6.82 9.28
C LEU A 166 10.92 6.12 10.24
N GLU A 167 10.82 4.78 10.32
CA GLU A 167 11.79 4.02 11.10
C GLU A 167 13.22 4.11 10.54
N ARG A 168 13.39 4.05 9.23
CA ARG A 168 14.70 4.15 8.61
C ARG A 168 15.29 5.52 8.91
N ALA A 169 14.42 6.51 8.93
CA ALA A 169 14.90 7.89 9.24
C ALA A 169 15.10 8.15 10.72
N GLU A 170 14.84 7.14 11.54
CA GLU A 170 15.02 7.22 13.02
C GLU A 170 14.11 8.28 13.68
N LEU A 171 12.95 8.59 13.08
CA LEU A 171 12.03 9.49 13.76
C LEU A 171 11.66 8.99 15.12
N SER A 172 11.55 9.91 16.09
CA SER A 172 11.23 9.60 17.46
C SER A 172 10.75 10.88 18.16
N ALA A 173 10.33 10.69 19.39
CA ALA A 173 9.55 11.71 20.10
C ALA A 173 10.35 13.03 20.11
N GLY A 174 9.64 14.09 19.72
CA GLY A 174 10.16 15.47 19.88
C GLY A 174 10.84 16.00 18.64
N LYS A 175 11.10 15.15 17.65
CA LYS A 175 11.79 15.50 16.44
C LYS A 175 10.80 16.12 15.43
N SER A 176 11.37 16.87 14.50
CA SER A 176 10.55 17.44 13.40
C SER A 176 10.69 16.71 12.08
N VAL A 177 9.63 16.77 11.30
CA VAL A 177 9.60 16.04 10.01
C VAL A 177 8.94 16.87 8.94
N LEU A 178 9.56 16.84 7.76
CA LEU A 178 8.99 17.40 6.52
C LEU A 178 8.67 16.26 5.58
N VAL A 179 7.43 16.24 5.10
CA VAL A 179 6.92 15.24 4.16
C VAL A 179 6.71 15.91 2.79
N LEU A 180 7.40 15.42 1.76
CA LEU A 180 7.24 15.91 0.40
C LEU A 180 6.21 15.05 -0.29
N GLY A 181 5.11 15.64 -0.68
CA GLY A 181 4.01 14.89 -1.27
C GLY A 181 3.03 14.43 -0.24
N GLY A 182 2.63 15.31 0.67
CA GLY A 182 1.70 14.95 1.75
C GLY A 182 0.31 14.45 1.39
N ALA A 183 -0.21 14.83 0.21
CA ALA A 183 -1.55 14.44 -0.16
C ALA A 183 -1.64 13.14 -0.92
N GLY A 184 -0.49 12.54 -1.20
CA GLY A 184 -0.47 11.26 -1.91
C GLY A 184 -0.81 10.11 -0.98
N GLY A 185 -0.86 8.90 -1.56
CA GLY A 185 -1.31 7.76 -0.76
C GLY A 185 -0.36 7.41 0.38
N VAL A 186 0.94 7.45 0.12
CA VAL A 186 1.90 7.19 1.19
C VAL A 186 2.01 8.41 2.09
N GLY A 187 2.10 9.60 1.48
CA GLY A 187 2.25 10.86 2.24
C GLY A 187 1.17 11.08 3.27
N THR A 188 -0.06 10.75 2.94
CA THR A 188 -1.18 10.88 3.90
C THR A 188 -0.91 10.13 5.20
N HIS A 189 -0.36 8.91 5.06
CA HIS A 189 0.03 8.16 6.24
C HIS A 189 1.32 8.53 6.84
N ILE A 190 2.28 9.03 6.09
CA ILE A 190 3.48 9.59 6.74
C ILE A 190 3.07 10.67 7.79
N ILE A 191 2.17 11.55 7.37
CA ILE A 191 1.76 12.62 8.26
C ILE A 191 1.09 12.04 9.54
N GLN A 192 0.14 11.09 9.37
CA GLN A 192 -0.62 10.60 10.51
C GLN A 192 0.32 9.82 11.43
N LEU A 193 1.19 8.98 10.83
CA LEU A 193 2.10 8.18 11.66
C LEU A 193 3.11 9.08 12.36
N ALA A 194 3.66 10.08 11.66
CA ALA A 194 4.64 10.96 12.30
C ALA A 194 4.08 11.63 13.55
N LYS A 195 2.84 12.07 13.42
N LYS A 195 2.85 12.14 13.42
CA LYS A 195 2.20 12.81 14.49
CA LYS A 195 2.16 12.77 14.54
C LYS A 195 1.67 11.92 15.59
C LYS A 195 1.86 11.76 15.61
N HIS A 196 1.04 10.77 15.27
CA HIS A 196 0.35 9.96 16.29
C HIS A 196 1.05 8.76 16.80
N VAL A 197 2.03 8.27 16.03
CA VAL A 197 2.73 7.03 16.37
C VAL A 197 4.19 7.32 16.76
N PHE A 198 4.85 8.20 16.04
CA PHE A 198 6.27 8.51 16.28
C PHE A 198 6.52 9.73 17.18
N GLY A 199 5.47 10.46 17.58
CA GLY A 199 5.60 11.54 18.51
C GLY A 199 6.32 12.79 18.02
N ALA A 200 6.29 13.04 16.74
CA ALA A 200 6.95 14.26 16.24
C ALA A 200 6.43 15.53 16.85
N SER A 201 7.33 16.47 17.10
CA SER A 201 6.93 17.74 17.67
C SER A 201 6.29 18.65 16.62
N LYS A 202 6.75 18.53 15.39
CA LYS A 202 6.28 19.35 14.29
C LYS A 202 6.29 18.51 13.02
N VAL A 203 5.16 18.52 12.30
CA VAL A 203 5.01 17.86 11.03
C VAL A 203 4.68 18.90 9.95
N ALA A 204 5.60 19.04 9.01
CA ALA A 204 5.40 19.93 7.87
C ALA A 204 5.18 19.05 6.66
N ALA A 205 4.40 19.56 5.72
CA ALA A 205 4.18 18.82 4.47
C ALA A 205 3.85 19.71 3.30
N THR A 206 4.29 19.26 2.14
CA THR A 206 3.99 19.94 0.88
C THR A 206 2.81 19.35 0.09
N ALA A 207 2.04 20.24 -0.55
CA ALA A 207 0.95 19.85 -1.47
C ALA A 207 0.54 21.07 -2.28
N SER A 208 -0.38 20.85 -3.19
CA SER A 208 -0.90 21.91 -3.98
C SER A 208 -1.99 22.65 -3.20
N THR A 209 -2.40 23.79 -3.76
CA THR A 209 -3.27 24.73 -3.05
C THR A 209 -4.56 24.12 -2.50
N LYS A 210 -5.25 23.35 -3.33
CA LYS A 210 -6.52 22.77 -2.91
C LYS A 210 -6.43 21.63 -1.90
N LYS A 211 -5.19 21.18 -1.63
CA LYS A 211 -5.03 20.05 -0.74
C LYS A 211 -4.51 20.41 0.64
N LEU A 212 -4.38 21.69 0.97
CA LEU A 212 -3.71 22.06 2.23
C LEU A 212 -4.58 21.74 3.43
N ASP A 213 -5.89 21.86 3.28
CA ASP A 213 -6.78 21.58 4.42
C ASP A 213 -6.76 20.09 4.72
N LEU A 214 -6.58 19.27 3.70
CA LEU A 214 -6.40 17.84 3.94
C LEU A 214 -5.15 17.62 4.78
N LEU A 215 -4.03 18.25 4.40
CA LEU A 215 -2.78 18.11 5.19
C LEU A 215 -3.04 18.44 6.69
N ARG A 216 -3.66 19.58 6.95
CA ARG A 216 -3.96 19.94 8.35
C ARG A 216 -4.88 18.99 9.06
N THR A 217 -5.92 18.56 8.38
CA THR A 217 -6.81 17.53 8.93
C THR A 217 -6.07 16.27 9.35
N LEU A 218 -5.08 15.88 8.58
CA LEU A 218 -4.33 14.66 8.89
C LEU A 218 -3.30 14.73 10.02
N GLY A 219 -2.94 15.95 10.40
CA GLY A 219 -1.94 16.14 11.44
C GLY A 219 -0.82 17.14 11.14
N ALA A 220 -0.75 17.70 9.92
CA ALA A 220 0.34 18.62 9.61
C ALA A 220 0.16 19.94 10.39
N ASP A 221 1.24 20.33 11.09
CA ASP A 221 1.32 21.61 11.68
C ASP A 221 1.56 22.77 10.70
N LEU A 222 2.24 22.48 9.61
CA LEU A 222 2.63 23.44 8.58
C LEU A 222 2.36 22.81 7.24
N ALA A 223 1.45 23.40 6.49
CA ALA A 223 1.13 22.92 5.16
C ALA A 223 1.69 23.95 4.16
N ILE A 224 2.57 23.48 3.28
CA ILE A 224 3.36 24.33 2.41
C ILE A 224 2.82 24.10 1.00
N ASP A 225 2.44 25.21 0.35
CA ASP A 225 1.94 25.16 -1.02
C ASP A 225 3.12 25.17 -1.99
N TYR A 226 3.41 24.02 -2.62
CA TYR A 226 4.54 23.98 -3.52
C TYR A 226 4.36 24.82 -4.79
N THR A 227 3.12 25.23 -5.08
CA THR A 227 2.86 26.13 -6.21
C THR A 227 3.13 27.58 -5.85
N LYS A 228 3.39 27.89 -4.58
CA LYS A 228 3.70 29.24 -4.17
C LYS A 228 5.07 29.47 -3.54
N GLU A 229 5.68 28.43 -2.98
CA GLU A 229 7.00 28.62 -2.44
C GLU A 229 7.82 27.37 -2.48
N ASN A 230 9.14 27.51 -2.35
CA ASN A 230 10.06 26.38 -2.41
C ASN A 230 10.51 25.98 -1.03
N PHE A 231 10.15 24.78 -0.62
CA PHE A 231 10.39 24.37 0.77
C PHE A 231 11.87 24.47 1.15
N GLU A 232 12.74 24.19 0.19
CA GLU A 232 14.18 24.10 0.47
C GLU A 232 14.78 25.46 0.75
N ASP A 233 14.04 26.51 0.37
CA ASP A 233 14.43 27.92 0.62
C ASP A 233 13.98 28.45 1.96
N LEU A 234 13.09 27.75 2.65
CA LEU A 234 12.69 28.15 3.98
C LEU A 234 13.89 28.09 4.92
N PRO A 235 13.91 28.99 5.91
CA PRO A 235 15.04 28.91 6.83
C PRO A 235 14.91 27.74 7.79
N GLU A 236 13.68 27.27 8.03
CA GLU A 236 13.48 26.11 8.87
C GLU A 236 14.01 24.86 8.19
N LYS A 237 14.81 24.09 8.92
CA LYS A 237 15.31 22.79 8.56
C LYS A 237 14.80 21.74 9.58
N PHE A 238 14.77 20.52 9.13
CA PHE A 238 14.03 19.45 9.78
C PHE A 238 14.93 18.29 10.20
N ASP A 239 14.55 17.58 11.27
CA ASP A 239 15.35 16.40 11.68
C ASP A 239 15.23 15.28 10.65
N VAL A 240 14.04 15.09 10.08
CA VAL A 240 13.72 14.07 9.11
C VAL A 240 13.05 14.73 7.92
N VAL A 241 13.47 14.35 6.73
CA VAL A 241 12.75 14.70 5.50
C VAL A 241 12.40 13.38 4.81
N TYR A 242 11.11 13.17 4.57
CA TYR A 242 10.61 11.92 3.88
C TYR A 242 10.03 12.37 2.56
N ASP A 243 10.78 12.08 1.50
CA ASP A 243 10.42 12.41 0.13
C ASP A 243 9.55 11.26 -0.43
N ALA A 244 8.33 11.59 -0.82
CA ALA A 244 7.42 10.61 -1.45
C ALA A 244 7.19 10.96 -2.88
N VAL A 245 7.92 11.89 -3.46
CA VAL A 245 7.65 12.29 -4.81
C VAL A 245 8.84 12.11 -5.74
N GLY A 246 10.06 12.17 -5.26
CA GLY A 246 11.23 12.12 -6.16
C GLY A 246 11.96 13.46 -6.32
N GLU A 247 12.28 14.07 -5.23
CA GLU A 247 12.87 15.38 -5.17
C GLU A 247 14.02 15.38 -4.18
N THR A 248 14.80 14.29 -4.10
CA THR A 248 15.85 14.24 -3.05
C THR A 248 16.95 15.33 -3.27
N ASP A 249 17.16 15.78 -4.51
CA ASP A 249 18.16 16.82 -4.75
C ASP A 249 17.80 18.08 -3.97
N LYS A 250 16.51 18.37 -3.78
CA LYS A 250 16.04 19.47 -2.89
C LYS A 250 15.85 19.06 -1.44
N ALA A 251 15.39 17.82 -1.23
CA ALA A 251 15.16 17.35 0.13
C ALA A 251 16.39 17.44 1.02
N VAL A 252 17.54 17.14 0.43
CA VAL A 252 18.79 17.22 1.16
C VAL A 252 19.16 18.61 1.60
N LYS A 253 18.53 19.62 1.03
CA LYS A 253 18.76 21.00 1.40
C LYS A 253 17.86 21.49 2.53
N ALA A 254 16.92 20.62 2.96
CA ALA A 254 15.95 20.98 3.97
C ALA A 254 16.17 20.25 5.30
N VAL A 255 17.21 19.45 5.38
CA VAL A 255 17.50 18.59 6.58
C VAL A 255 18.55 19.28 7.43
N LYS A 256 18.38 19.16 8.74
CA LYS A 256 19.38 19.56 9.69
C LYS A 256 20.64 18.72 9.59
N GLU A 257 21.79 19.35 9.88
CA GLU A 257 23.03 18.59 10.00
C GLU A 257 22.87 17.44 10.96
N GLY A 258 23.22 16.23 10.53
CA GLY A 258 22.97 15.04 11.33
C GLY A 258 21.60 14.43 11.25
N GLY A 259 20.70 15.05 10.51
CA GLY A 259 19.41 14.42 10.30
C GLY A 259 19.41 13.33 9.26
N LYS A 260 18.22 12.90 8.88
CA LYS A 260 18.09 11.85 7.87
C LYS A 260 17.08 12.20 6.83
N VAL A 261 17.40 11.81 5.60
CA VAL A 261 16.48 11.92 4.47
C VAL A 261 16.23 10.53 3.89
N VAL A 262 14.96 10.23 3.66
CA VAL A 262 14.60 8.94 3.02
C VAL A 262 13.66 9.23 1.88
N THR A 263 13.70 8.39 0.86
CA THR A 263 12.80 8.50 -0.27
C THR A 263 12.34 7.12 -0.72
N ILE A 264 11.17 7.12 -1.35
CA ILE A 264 10.68 5.95 -2.06
C ILE A 264 10.73 6.10 -3.58
N VAL A 265 11.27 7.23 -4.13
CA VAL A 265 11.37 7.43 -5.54
C VAL A 265 12.82 7.80 -5.80
N GLY A 266 13.49 6.95 -6.56
CA GLY A 266 14.89 7.22 -6.87
C GLY A 266 15.04 7.90 -8.19
N PRO A 267 16.29 8.18 -8.56
CA PRO A 267 17.54 7.94 -7.79
C PRO A 267 17.68 8.91 -6.62
N ALA A 268 18.26 8.40 -5.54
CA ALA A 268 18.42 9.24 -4.33
C ALA A 268 19.76 9.98 -4.36
N THR A 269 19.68 11.29 -4.19
CA THR A 269 20.88 12.11 -3.98
C THR A 269 21.46 11.93 -2.59
N PRO A 270 22.69 11.44 -2.47
CA PRO A 270 23.25 11.29 -1.13
C PRO A 270 23.27 12.62 -0.42
N PRO A 271 22.98 12.63 0.87
CA PRO A 271 22.87 11.50 1.78
C PRO A 271 21.50 10.85 1.91
N ALA A 272 20.56 11.21 1.04
CA ALA A 272 19.29 10.52 1.03
C ALA A 272 19.46 9.06 0.67
N ILE A 273 18.66 8.25 1.28
CA ILE A 273 18.60 6.84 0.85
C ILE A 273 17.22 6.51 0.27
N LEU A 274 17.26 5.61 -0.68
CA LEU A 274 16.05 5.04 -1.28
C LEU A 274 15.87 3.63 -0.65
N PHE A 275 14.64 3.23 -0.39
CA PHE A 275 14.30 1.89 -0.02
C PHE A 275 13.05 1.52 -0.77
N VAL A 276 12.86 0.21 -0.83
CA VAL A 276 11.64 -0.45 -1.31
C VAL A 276 11.01 -1.25 -0.16
N LEU A 277 9.70 -1.04 0.12
CA LEU A 277 9.00 -1.66 1.22
C LEU A 277 9.27 -3.17 1.31
N THR A 278 9.47 -3.64 2.54
CA THR A 278 9.30 -5.06 2.89
C THR A 278 7.93 -5.19 3.52
N SER A 279 7.02 -5.93 2.91
CA SER A 279 5.69 -6.11 3.45
C SER A 279 5.72 -7.07 4.64
N LYS A 280 5.10 -6.65 5.76
CA LYS A 280 5.16 -7.41 7.05
C LYS A 280 3.85 -7.20 7.79
N GLY A 281 3.16 -8.30 8.06
CA GLY A 281 1.95 -8.20 8.87
C GLY A 281 2.23 -7.67 10.25
N SER A 282 3.41 -7.94 10.80
CA SER A 282 3.77 -7.43 12.12
C SER A 282 3.64 -5.93 12.23
N VAL A 283 3.91 -5.22 11.16
CA VAL A 283 3.78 -3.76 11.19
C VAL A 283 2.33 -3.36 11.36
N LEU A 284 1.43 -4.00 10.58
CA LEU A 284 0.01 -3.73 10.79
C LEU A 284 -0.47 -4.05 12.20
N GLU A 285 0.03 -5.16 12.77
CA GLU A 285 -0.32 -5.50 14.16
C GLU A 285 0.14 -4.41 15.09
N LYS A 286 1.36 -3.91 14.90
CA LYS A 286 1.89 -2.86 15.79
C LYS A 286 1.02 -1.59 15.70
N LEU A 287 0.43 -1.34 14.53
CA LEU A 287 -0.41 -0.19 14.29
C LEU A 287 -1.89 -0.38 14.70
N LYS A 288 -2.30 -1.60 15.03
CA LYS A 288 -3.69 -1.90 15.30
C LYS A 288 -4.38 -0.93 16.30
N PRO A 289 -3.75 -0.66 17.44
CA PRO A 289 -4.49 0.22 18.38
C PRO A 289 -4.77 1.63 17.85
N TYR A 290 -3.89 2.16 17.02
CA TYR A 290 -4.10 3.48 16.39
C TYR A 290 -5.25 3.43 15.38
N LEU A 291 -5.36 2.30 14.66
CA LEU A 291 -6.50 2.13 13.74
C LEU A 291 -7.83 1.91 14.45
N GLU A 292 -7.77 1.14 15.54
CA GLU A 292 -8.97 0.93 16.34
C GLU A 292 -9.46 2.17 17.04
N SER A 293 -8.58 3.07 17.48
CA SER A 293 -9.03 4.28 18.20
C SER A 293 -9.41 5.39 17.24
N GLY A 294 -9.07 5.25 15.97
CA GLY A 294 -9.29 6.26 14.92
C GLY A 294 -8.27 7.36 14.91
N LYS A 295 -7.21 7.24 15.67
CA LYS A 295 -6.16 8.25 15.60
C LYS A 295 -5.52 8.26 14.23
N VAL A 296 -5.40 7.07 13.59
CA VAL A 296 -4.90 6.95 12.22
C VAL A 296 -6.06 6.39 11.40
N LYS A 297 -6.39 7.09 10.30
CA LYS A 297 -7.62 6.85 9.54
C LYS A 297 -7.32 6.50 8.12
N PRO A 298 -8.17 5.65 7.51
CA PRO A 298 -8.06 5.43 6.11
C PRO A 298 -8.44 6.72 5.34
N VAL A 299 -7.90 6.91 4.14
CA VAL A 299 -8.23 8.04 3.29
C VAL A 299 -8.63 7.54 1.91
N LEU A 300 -9.92 7.37 1.70
CA LEU A 300 -10.42 6.81 0.47
C LEU A 300 -10.75 7.86 -0.57
N ASP A 301 -10.56 7.54 -1.84
CA ASP A 301 -11.08 8.44 -2.90
C ASP A 301 -12.60 8.47 -2.87
N PRO A 302 -13.19 9.64 -3.16
CA PRO A 302 -14.69 9.72 -3.14
C PRO A 302 -15.35 8.76 -4.14
N THR A 303 -14.63 8.37 -5.20
CA THR A 303 -15.18 7.49 -6.24
C THR A 303 -15.09 6.03 -5.83
N SER A 304 -14.36 5.72 -4.75
CA SER A 304 -14.38 4.34 -4.25
C SER A 304 -15.65 3.99 -3.46
N PRO A 305 -16.08 2.70 -3.54
CA PRO A 305 -15.49 1.58 -4.27
C PRO A 305 -15.92 1.46 -5.74
N TYR A 306 -15.05 0.81 -6.51
CA TYR A 306 -15.33 0.37 -7.88
C TYR A 306 -15.76 -1.11 -7.85
N PRO A 307 -16.87 -1.46 -8.50
CA PRO A 307 -17.27 -2.86 -8.58
C PRO A 307 -16.24 -3.68 -9.34
N PHE A 308 -16.18 -4.99 -9.09
CA PHE A 308 -15.19 -5.86 -9.75
C PHE A 308 -15.30 -5.82 -11.28
N THR A 309 -16.48 -5.50 -11.82
CA THR A 309 -16.64 -5.37 -13.26
C THR A 309 -15.91 -4.17 -13.84
N LYS A 310 -15.59 -3.20 -12.98
CA LYS A 310 -15.08 -1.90 -13.39
C LYS A 310 -13.59 -1.72 -13.10
N VAL A 311 -12.86 -2.83 -13.07
CA VAL A 311 -11.42 -2.76 -12.71
C VAL A 311 -10.62 -1.97 -13.73
N VAL A 312 -10.94 -2.05 -15.01
CA VAL A 312 -10.22 -1.27 -16.02
C VAL A 312 -10.43 0.23 -15.77
N GLU A 313 -11.67 0.61 -15.47
CA GLU A 313 -12.00 2.00 -15.19
C GLU A 313 -11.27 2.49 -13.94
N ALA A 314 -11.18 1.61 -12.92
CA ALA A 314 -10.47 1.92 -11.66
C ALA A 314 -9.03 2.24 -11.94
N PHE A 315 -8.40 1.35 -12.73
CA PHE A 315 -7.00 1.62 -13.15
C PHE A 315 -6.87 2.92 -13.92
N GLY A 316 -7.81 3.21 -14.82
CA GLY A 316 -7.70 4.39 -15.63
C GLY A 316 -7.77 5.64 -14.75
N TYR A 317 -8.63 5.56 -13.76
CA TYR A 317 -8.77 6.70 -12.83
C TYR A 317 -7.48 6.87 -12.00
N LEU A 318 -6.97 5.78 -11.42
CA LEU A 318 -5.67 5.86 -10.72
C LEU A 318 -4.58 6.44 -11.61
N GLU A 319 -4.49 5.97 -12.85
CA GLU A 319 -3.47 6.36 -13.77
C GLU A 319 -3.59 7.84 -14.23
N SER A 320 -4.77 8.40 -14.11
CA SER A 320 -5.04 9.75 -14.67
C SER A 320 -4.44 10.80 -13.75
N SER A 321 -3.99 10.40 -12.59
CA SER A 321 -3.52 11.27 -11.52
C SER A 321 -4.64 12.13 -10.89
N ARG A 322 -5.91 11.83 -11.17
CA ARG A 322 -7.01 12.64 -10.64
C ARG A 322 -7.47 12.13 -9.29
N ALA A 323 -7.01 10.94 -8.93
CA ALA A 323 -7.37 10.38 -7.62
C ALA A 323 -6.85 11.24 -6.50
N THR A 324 -7.68 11.39 -5.47
CA THR A 324 -7.29 12.15 -4.30
C THR A 324 -7.26 11.22 -3.06
N GLY A 325 -7.64 9.98 -3.19
CA GLY A 325 -7.55 8.99 -2.08
C GLY A 325 -7.41 7.62 -2.69
N LYS A 326 -7.49 6.57 -1.85
CA LYS A 326 -7.27 5.23 -2.34
C LYS A 326 -8.37 4.77 -3.23
N VAL A 327 -8.02 4.04 -4.29
CA VAL A 327 -8.90 3.44 -5.26
C VAL A 327 -9.05 1.96 -4.85
N VAL A 328 -10.25 1.64 -4.40
CA VAL A 328 -10.58 0.32 -3.86
C VAL A 328 -11.67 -0.31 -4.72
N VAL A 329 -11.48 -1.62 -4.91
CA VAL A 329 -12.37 -2.50 -5.68
C VAL A 329 -13.16 -3.42 -4.70
N TYR A 330 -14.48 -3.28 -4.79
CA TYR A 330 -15.48 -3.97 -3.93
C TYR A 330 -16.82 -3.80 -4.55
N PRO A 331 -17.68 -4.83 -4.51
CA PRO A 331 -17.45 -6.17 -4.02
C PRO A 331 -16.70 -7.00 -5.01
N ILE A 332 -15.91 -7.92 -4.54
CA ILE A 332 -15.21 -8.91 -5.33
C ILE A 332 -15.82 -10.29 -4.99
#